data_6MXV
#
_entry.id   6MXV
#
_cell.length_a   48.721
_cell.length_b   111.108
_cell.length_c   50.339
_cell.angle_alpha   90.00
_cell.angle_beta   93.49
_cell.angle_gamma   90.00
#
_symmetry.space_group_name_H-M   'P 1 21 1'
#
loop_
_entity.id
_entity.type
_entity.pdbx_description
1 polymer 'Rhodanese-like family protein'
2 non-polymer 1,2-ETHANEDIOL
3 non-polymer 'MAGNESIUM ION'
4 non-polymer 'TETRAETHYLENE GLYCOL'
5 non-polymer DI(HYDROXYETHYL)ETHER
6 non-polymer 'DODECAETHYLENE GLYCOL'
7 water water
#
_entity_poly.entity_id   1
_entity_poly.type   'polypeptide(L)'
_entity_poly.pdbx_seq_one_letter_code
;(MSE)KI(MSE)QHSSGFLKLVDDAKSRIQECSVDDIQK(MSE)NETQTLDGLLIDTREESEVANGYIPNAIHLSKGIIE
SAIESAVPNKNQK(MSE)YFYCGGGFRSALVADKLRE(MSE)GYKNVISVDGGWRAWNAKGYPTVSPNQFRPNEFLKLVN
NAKTQIKECSTTELYNKINSQELDGIVFDVREDSEFNRFHIQGATHLSKGQIEVKIENLVPNKQQKIYLYCGSGFRSALA
AESLQH(MSE)GYTNVVSIAGGIKDWLANNYPVSQN
;
_entity_poly.pdbx_strand_id   A,B
#
loop_
_chem_comp.id
_chem_comp.type
_chem_comp.name
_chem_comp.formula
12P non-polymer 'DODECAETHYLENE GLYCOL' 'C24 H50 O13'
EDO non-polymer 1,2-ETHANEDIOL 'C2 H6 O2'
MG non-polymer 'MAGNESIUM ION' 'Mg 2'
PEG non-polymer DI(HYDROXYETHYL)ETHER 'C4 H10 O3'
PG4 non-polymer 'TETRAETHYLENE GLYCOL' 'C8 H18 O5'
#
# COMPACT_ATOMS: atom_id res chain seq x y z
N ILE A 3 25.02 15.07 12.27
CA ILE A 3 25.84 15.83 11.31
C ILE A 3 26.23 14.97 10.13
N MSE A 4 25.73 15.32 8.96
CA MSE A 4 26.08 14.58 7.74
C MSE A 4 27.29 15.23 7.06
O MSE A 4 27.48 16.44 7.16
CB MSE A 4 24.87 14.51 6.81
CG MSE A 4 23.79 13.57 7.30
SE MSE A 4 24.47 11.74 7.39
CE MSE A 4 25.16 11.63 5.58
N GLN A 5 28.09 14.43 6.37
CA GLN A 5 29.28 14.92 5.67
C GLN A 5 29.17 14.49 4.21
N HIS A 6 28.30 15.17 3.47
CA HIS A 6 27.98 14.73 2.12
C HIS A 6 29.16 15.00 1.18
N SER A 7 29.39 14.07 0.28
CA SER A 7 30.52 14.14 -0.62
C SER A 7 30.17 14.92 -1.87
N SER A 8 31.22 15.40 -2.54
CA SER A 8 31.03 16.31 -3.68
C SER A 8 30.29 15.65 -4.83
N GLY A 9 30.59 14.39 -5.14
CA GLY A 9 29.94 13.76 -6.28
C GLY A 9 28.46 13.53 -6.07
N PHE A 10 28.07 13.14 -4.84
CA PHE A 10 26.65 13.04 -4.52
C PHE A 10 25.96 14.38 -4.72
N LEU A 11 26.55 15.43 -4.19
CA LEU A 11 25.89 16.74 -4.25
C LEU A 11 25.82 17.26 -5.70
N LYS A 12 26.75 16.88 -6.57
CA LYS A 12 26.60 17.24 -7.98
C LYS A 12 25.32 16.63 -8.58
N LEU A 13 25.02 15.37 -8.24
CA LEU A 13 23.77 14.77 -8.71
C LEU A 13 22.59 15.51 -8.14
N VAL A 14 22.67 15.87 -6.87
CA VAL A 14 21.57 16.56 -6.21
C VAL A 14 21.34 17.93 -6.84
N ASP A 15 22.42 18.68 -7.08
CA ASP A 15 22.27 20.00 -7.70
C ASP A 15 21.59 19.90 -9.05
N ASP A 16 21.99 18.91 -9.85
CA ASP A 16 21.37 18.68 -11.15
C ASP A 16 19.88 18.37 -11.02
N ALA A 17 19.52 17.49 -10.08
CA ALA A 17 18.11 17.18 -9.87
C ALA A 17 17.31 18.40 -9.44
N LYS A 18 17.85 19.18 -8.50
CA LYS A 18 17.14 20.34 -7.96
C LYS A 18 16.90 21.40 -9.02
N SER A 19 17.68 21.40 -10.10
CA SER A 19 17.44 22.35 -11.19
C SER A 19 16.14 22.07 -11.91
N ARG A 20 15.57 20.87 -11.76
CA ARG A 20 14.42 20.46 -12.52
C ARG A 20 13.17 20.28 -11.68
N ILE A 21 13.27 20.21 -10.37
CA ILE A 21 12.08 19.87 -9.60
C ILE A 21 11.75 20.99 -8.63
N GLN A 22 10.46 21.03 -8.29
CA GLN A 22 9.93 22.00 -7.36
C GLN A 22 10.19 21.59 -5.91
N GLU A 23 10.57 22.55 -5.09
CA GLU A 23 10.75 22.32 -3.66
C GLU A 23 9.77 23.16 -2.86
N CYS A 24 9.49 22.69 -1.63
CA CYS A 24 8.76 23.48 -0.66
C CYS A 24 9.53 23.45 0.66
N SER A 25 9.06 24.24 1.62
CA SER A 25 9.73 24.27 2.92
C SER A 25 9.11 23.26 3.88
N VAL A 26 9.87 22.95 4.96
CA VAL A 26 9.24 22.20 6.04
C VAL A 26 8.08 22.99 6.62
N ASP A 27 8.16 24.33 6.59
CA ASP A 27 7.07 25.16 7.12
C ASP A 27 5.76 24.92 6.37
N ASP A 28 5.85 24.78 5.04
CA ASP A 28 4.66 24.50 4.25
C ASP A 28 3.99 23.21 4.70
N ILE A 29 4.78 22.15 4.89
CA ILE A 29 4.23 20.87 5.34
C ILE A 29 3.61 21.03 6.72
N GLN A 30 4.35 21.67 7.63
CA GLN A 30 3.84 21.82 9.00
C GLN A 30 2.54 22.61 9.02
N LYS A 31 2.47 23.69 8.22
CA LYS A 31 1.25 24.49 8.21
C LYS A 31 0.07 23.70 7.65
N MSE A 32 0.29 22.96 6.57
CA MSE A 32 -0.78 22.12 6.01
C MSE A 32 -1.21 21.04 7.01
O MSE A 32 -2.39 20.75 7.13
CB MSE A 32 -0.32 21.48 4.69
CG MSE A 32 -0.36 22.45 3.54
SE MSE A 32 -0.09 21.62 1.81
CE MSE A 32 1.84 21.24 1.97
N ASN A 33 -0.24 20.45 7.71
CA ASN A 33 -0.57 19.43 8.72
C ASN A 33 -1.43 20.02 9.83
N GLU A 34 -1.03 21.19 10.34
CA GLU A 34 -1.69 21.76 11.50
C GLU A 34 -3.10 22.22 11.18
N THR A 35 -3.35 22.62 9.94
CA THR A 35 -4.65 23.12 9.50
C THR A 35 -5.49 22.07 8.79
N GLN A 36 -4.99 20.84 8.69
CA GLN A 36 -5.62 19.73 7.95
C GLN A 36 -5.92 20.12 6.50
N THR A 37 -4.92 20.71 5.84
CA THR A 37 -5.04 21.11 4.44
C THR A 37 -3.96 20.49 3.57
N LEU A 38 -3.31 19.40 4.02
CA LEU A 38 -2.31 18.74 3.18
C LEU A 38 -2.99 18.22 1.91
N ASP A 39 -2.43 18.59 0.75
CA ASP A 39 -3.11 18.39 -0.52
C ASP A 39 -2.39 17.40 -1.43
N GLY A 40 -1.54 16.55 -0.87
CA GLY A 40 -0.91 15.51 -1.65
C GLY A 40 -0.50 14.39 -0.72
N LEU A 41 0.02 13.31 -1.30
CA LEU A 41 0.64 12.27 -0.50
C LEU A 41 1.95 12.81 0.07
N LEU A 42 2.21 12.55 1.34
CA LEU A 42 3.48 12.91 1.95
C LEU A 42 4.26 11.62 2.13
N ILE A 43 5.42 11.52 1.46
CA ILE A 43 6.13 10.25 1.26
C ILE A 43 7.53 10.38 1.84
N ASP A 44 7.80 9.58 2.87
CA ASP A 44 9.12 9.46 3.47
C ASP A 44 9.94 8.50 2.61
N THR A 45 11.07 8.97 2.05
CA THR A 45 11.87 8.13 1.18
C THR A 45 13.09 7.52 1.88
N ARG A 46 13.17 7.62 3.21
CA ARG A 46 14.32 7.13 3.94
C ARG A 46 14.29 5.61 4.05
N GLU A 47 15.38 5.07 4.59
CA GLU A 47 15.49 3.64 4.80
C GLU A 47 14.54 3.18 5.89
N GLU A 48 14.23 1.87 5.88
CA GLU A 48 13.42 1.28 6.93
C GLU A 48 13.99 1.57 8.32
N SER A 49 15.32 1.48 8.46
CA SER A 49 15.94 1.71 9.76
C SER A 49 15.85 3.16 10.22
N GLU A 50 15.72 4.11 9.28
CA GLU A 50 15.54 5.52 9.64
C GLU A 50 14.11 5.78 10.09
N VAL A 51 13.15 5.33 9.30
N VAL A 51 13.13 5.33 9.33
CA VAL A 51 11.74 5.51 9.60
CA VAL A 51 11.74 5.62 9.69
C VAL A 51 11.42 4.95 10.99
C VAL A 51 11.35 4.90 10.98
N ALA A 52 12.07 3.86 11.37
CA ALA A 52 11.79 3.21 12.65
C ALA A 52 12.04 4.15 13.83
N ASN A 53 12.86 5.19 13.66
CA ASN A 53 13.19 6.13 14.73
C ASN A 53 12.29 7.35 14.76
N GLY A 54 11.24 7.39 13.95
CA GLY A 54 10.32 8.52 13.97
C GLY A 54 10.15 9.12 12.59
N TYR A 55 8.98 9.72 12.35
CA TYR A 55 8.67 10.26 11.03
C TYR A 55 7.73 11.46 11.15
N ILE A 56 7.47 12.08 10.01
CA ILE A 56 6.67 13.32 9.96
C ILE A 56 5.20 12.94 9.95
N PRO A 57 4.35 13.61 10.73
CA PRO A 57 2.92 13.28 10.76
C PRO A 57 2.33 13.31 9.36
N ASN A 58 1.40 12.38 9.10
CA ASN A 58 0.68 12.20 7.82
C ASN A 58 1.52 11.52 6.77
N ALA A 59 2.74 11.07 7.08
CA ALA A 59 3.60 10.48 6.07
C ALA A 59 3.28 9.00 5.85
N ILE A 60 3.58 8.53 4.64
CA ILE A 60 3.67 7.10 4.32
C ILE A 60 5.09 6.82 3.85
N HIS A 61 5.45 5.54 3.83
CA HIS A 61 6.84 5.16 3.54
C HIS A 61 6.93 4.51 2.15
N LEU A 62 7.76 5.08 1.28
CA LEU A 62 8.19 4.44 0.04
C LEU A 62 9.66 4.80 -0.15
N SER A 63 10.56 3.89 0.24
CA SER A 63 11.98 4.22 0.22
C SER A 63 12.47 4.52 -1.20
N LYS A 64 13.46 5.42 -1.26
CA LYS A 64 14.16 5.73 -2.49
C LYS A 64 14.63 4.48 -3.22
N GLY A 65 15.07 3.45 -2.48
CA GLY A 65 15.54 2.25 -3.14
C GLY A 65 14.47 1.57 -3.97
N ILE A 66 13.24 1.52 -3.45
CA ILE A 66 12.21 0.74 -4.13
C ILE A 66 11.21 1.58 -4.89
N ILE A 67 11.30 2.92 -4.84
CA ILE A 67 10.13 3.70 -5.26
C ILE A 67 9.87 3.56 -6.75
N GLU A 68 10.91 3.56 -7.60
CA GLU A 68 10.63 3.42 -9.04
C GLU A 68 9.96 2.09 -9.34
N SER A 69 10.37 1.02 -8.65
CA SER A 69 9.81 -0.30 -8.93
C SER A 69 8.38 -0.46 -8.45
N ALA A 70 7.93 0.41 -7.55
CA ALA A 70 6.66 0.27 -6.89
C ALA A 70 5.63 1.33 -7.27
N ILE A 71 6.06 2.46 -7.83
CA ILE A 71 5.16 3.62 -7.85
C ILE A 71 3.99 3.39 -8.80
N GLU A 72 4.20 2.67 -9.89
CA GLU A 72 3.10 2.58 -10.85
C GLU A 72 1.98 1.69 -10.32
N SER A 73 2.30 0.73 -9.46
CA SER A 73 1.24 -0.05 -8.82
C SER A 73 0.63 0.68 -7.64
N ALA A 74 1.45 1.42 -6.89
CA ALA A 74 0.99 2.03 -5.66
C ALA A 74 0.24 3.33 -5.90
N VAL A 75 0.67 4.11 -6.90
CA VAL A 75 0.08 5.41 -7.26
C VAL A 75 -0.02 5.42 -8.77
N PRO A 76 -1.01 4.75 -9.36
CA PRO A 76 -1.12 4.69 -10.82
C PRO A 76 -1.35 6.03 -11.48
N ASN A 77 -1.96 6.98 -10.76
CA ASN A 77 -2.36 8.28 -11.30
C ASN A 77 -1.14 9.16 -11.47
N LYS A 78 -0.72 9.40 -12.72
CA LYS A 78 0.43 10.25 -12.95
C LYS A 78 0.20 11.70 -12.56
N ASN A 79 -1.05 12.11 -12.36
CA ASN A 79 -1.31 13.49 -11.90
C ASN A 79 -1.29 13.64 -10.39
N GLN A 80 -1.10 12.54 -9.63
CA GLN A 80 -1.22 12.62 -8.17
C GLN A 80 -0.13 13.52 -7.58
N LYS A 81 -0.56 14.50 -6.78
CA LYS A 81 0.40 15.38 -6.13
C LYS A 81 1.10 14.65 -5.00
N MSE A 82 2.43 14.72 -4.98
CA MSE A 82 3.23 14.00 -3.99
C MSE A 82 4.34 14.90 -3.48
O MSE A 82 5.01 15.57 -4.27
CB MSE A 82 3.84 12.71 -4.58
CG MSE A 82 2.75 11.68 -4.91
SE MSE A 82 3.48 10.10 -5.69
CE MSE A 82 3.70 10.73 -7.52
N TYR A 83 4.52 14.88 -2.16
CA TYR A 83 5.62 15.56 -1.48
C TYR A 83 6.56 14.50 -0.96
N PHE A 84 7.86 14.66 -1.26
CA PHE A 84 8.87 13.70 -0.80
C PHE A 84 9.83 14.34 0.21
N TYR A 85 10.13 13.62 1.28
CA TYR A 85 11.21 14.07 2.15
C TYR A 85 12.16 12.93 2.46
N CYS A 86 13.37 13.32 2.87
CA CYS A 86 14.41 12.37 3.27
C CYS A 86 15.11 13.00 4.46
N GLY A 87 16.35 12.60 4.71
CA GLY A 87 17.04 13.10 5.89
C GLY A 87 17.40 14.56 5.81
N GLY A 88 17.65 15.07 4.60
CA GLY A 88 18.23 16.40 4.50
C GLY A 88 17.79 17.19 3.28
N GLY A 89 16.86 16.65 2.52
CA GLY A 89 16.38 17.32 1.33
C GLY A 89 17.18 17.02 0.08
N PHE A 90 18.14 16.10 0.15
CA PHE A 90 18.98 15.76 -1.01
C PHE A 90 18.54 14.47 -1.70
N ARG A 91 18.41 13.36 -0.97
CA ARG A 91 17.89 12.13 -1.59
C ARG A 91 16.49 12.35 -2.15
N SER A 92 15.65 13.13 -1.45
CA SER A 92 14.28 13.32 -1.93
C SER A 92 14.25 14.12 -3.23
N ALA A 93 15.25 14.96 -3.50
CA ALA A 93 15.32 15.65 -4.79
C ALA A 93 15.59 14.66 -5.92
N LEU A 94 16.52 13.72 -5.71
CA LEU A 94 16.75 12.65 -6.69
C LEU A 94 15.48 11.83 -6.91
N VAL A 95 14.74 11.51 -5.85
CA VAL A 95 13.49 10.76 -6.02
C VAL A 95 12.51 11.56 -6.88
N ALA A 96 12.28 12.83 -6.53
CA ALA A 96 11.30 13.62 -7.29
C ALA A 96 11.70 13.74 -8.76
N ASP A 97 13.01 13.89 -9.02
CA ASP A 97 13.45 14.03 -10.41
C ASP A 97 13.28 12.73 -11.18
N LYS A 98 13.55 11.57 -10.56
CA LYS A 98 13.30 10.30 -11.24
C LYS A 98 11.81 10.08 -11.51
N LEU A 99 10.95 10.44 -10.55
CA LEU A 99 9.53 10.26 -10.80
C LEU A 99 9.04 11.23 -11.86
N ARG A 100 9.60 12.45 -11.91
CA ARG A 100 9.31 13.38 -13.01
C ARG A 100 9.68 12.76 -14.35
N GLU A 101 10.85 12.12 -14.40
CA GLU A 101 11.30 11.46 -15.61
C GLU A 101 10.33 10.38 -16.06
N MSE A 102 9.68 9.70 -15.11
CA MSE A 102 8.69 8.65 -15.38
C MSE A 102 7.31 9.18 -15.76
O MSE A 102 6.41 8.39 -16.11
CB MSE A 102 8.57 7.74 -14.15
CG MSE A 102 9.83 6.98 -13.81
SE MSE A 102 9.63 6.02 -12.08
CE MSE A 102 8.52 4.57 -12.70
N GLY A 103 7.11 10.49 -15.69
CA GLY A 103 5.83 11.08 -16.08
C GLY A 103 4.98 11.60 -14.93
N TYR A 104 5.45 11.51 -13.69
CA TYR A 104 4.77 12.09 -12.52
C TYR A 104 5.29 13.51 -12.34
N LYS A 105 4.57 14.49 -12.88
CA LYS A 105 5.13 15.84 -12.87
C LYS A 105 4.71 16.65 -11.65
N ASN A 106 3.71 16.17 -10.90
CA ASN A 106 3.18 16.91 -9.76
C ASN A 106 3.92 16.50 -8.49
N VAL A 107 5.23 16.61 -8.53
CA VAL A 107 6.06 16.13 -7.44
C VAL A 107 6.81 17.30 -6.85
N ILE A 108 6.98 17.26 -5.51
CA ILE A 108 7.64 18.31 -4.76
C ILE A 108 8.58 17.67 -3.76
N SER A 109 9.80 18.22 -3.64
CA SER A 109 10.74 17.77 -2.63
C SER A 109 10.79 18.77 -1.48
N VAL A 110 10.85 18.26 -0.25
CA VAL A 110 10.80 19.09 0.94
C VAL A 110 12.23 19.52 1.30
N ASP A 111 12.56 20.77 1.02
CA ASP A 111 13.92 21.27 1.25
C ASP A 111 14.29 21.14 2.72
N GLY A 112 15.52 20.69 3.01
CA GLY A 112 15.97 20.54 4.38
C GLY A 112 15.55 19.23 5.07
N GLY A 113 14.44 18.66 4.64
CA GLY A 113 14.06 17.33 5.09
C GLY A 113 13.84 17.18 6.59
N TRP A 114 14.12 15.98 7.07
CA TRP A 114 13.97 15.62 8.48
C TRP A 114 14.87 16.45 9.38
N ARG A 115 16.10 16.74 8.93
CA ARG A 115 17.00 17.60 9.67
C ARG A 115 16.35 18.97 9.93
N ALA A 116 15.80 19.59 8.87
CA ALA A 116 15.19 20.91 9.07
C ALA A 116 13.93 20.80 9.91
N TRP A 117 13.13 19.76 9.70
CA TRP A 117 11.93 19.51 10.49
C TRP A 117 12.25 19.51 11.99
N ASN A 118 13.28 18.76 12.39
CA ASN A 118 13.63 18.68 13.81
C ASN A 118 14.39 19.92 14.28
N ALA A 119 15.14 20.57 13.38
CA ALA A 119 15.82 21.80 13.78
C ALA A 119 14.82 22.86 14.24
N LYS A 120 13.63 22.88 13.66
CA LYS A 120 12.55 23.78 14.07
C LYS A 120 11.65 23.21 15.17
N GLY A 121 11.92 22.01 15.68
CA GLY A 121 11.12 21.49 16.77
C GLY A 121 9.72 21.06 16.42
N TYR A 122 9.46 20.74 15.15
CA TYR A 122 8.13 20.38 14.73
C TYR A 122 7.75 18.97 15.21
N PRO A 123 6.45 18.70 15.32
CA PRO A 123 5.99 17.44 15.91
C PRO A 123 6.41 16.22 15.11
N THR A 124 6.70 15.12 15.81
CA THR A 124 7.07 13.88 15.15
C THR A 124 6.22 12.74 15.71
N VAL A 125 6.23 11.60 15.01
CA VAL A 125 5.50 10.42 15.46
C VAL A 125 6.44 9.23 15.47
N SER A 126 6.28 8.30 16.48
CA SER A 126 7.04 7.07 16.42
C SER A 126 6.19 5.95 15.79
N PRO A 127 6.82 4.98 15.11
CA PRO A 127 6.02 3.86 14.59
C PRO A 127 5.29 3.10 15.69
N ASN A 128 5.95 2.92 16.84
CA ASN A 128 5.32 2.27 17.99
C ASN A 128 4.10 3.03 18.48
N GLN A 129 4.05 4.34 18.24
CA GLN A 129 2.94 5.17 18.69
C GLN A 129 1.69 5.03 17.81
N PHE A 130 1.80 4.44 16.62
CA PHE A 130 0.67 4.44 15.69
C PHE A 130 -0.49 3.60 16.23
N ARG A 131 -1.70 4.16 16.20
CA ARG A 131 -2.93 3.43 16.49
C ARG A 131 -3.97 3.88 15.48
N PRO A 132 -4.73 2.94 14.89
CA PRO A 132 -5.85 3.34 14.01
C PRO A 132 -7.00 3.85 14.86
N ASN A 133 -6.82 5.06 15.39
CA ASN A 133 -7.72 5.56 16.43
C ASN A 133 -9.17 5.64 15.94
N GLU A 134 -9.38 6.12 14.71
CA GLU A 134 -10.76 6.30 14.24
C GLU A 134 -11.43 4.97 13.98
N PHE A 135 -10.67 3.99 13.48
CA PHE A 135 -11.22 2.65 13.30
C PHE A 135 -11.62 2.04 14.63
N LEU A 136 -10.75 2.16 15.63
CA LEU A 136 -11.08 1.59 16.93
C LEU A 136 -12.24 2.33 17.58
N LYS A 137 -12.40 3.62 17.31
CA LYS A 137 -13.59 4.33 17.80
C LYS A 137 -14.85 3.79 17.15
N LEU A 138 -14.83 3.59 15.82
CA LEU A 138 -15.99 2.99 15.15
C LEU A 138 -16.28 1.60 15.70
N VAL A 139 -15.24 0.81 15.93
CA VAL A 139 -15.46 -0.53 16.46
C VAL A 139 -16.10 -0.47 17.84
N ASN A 140 -15.60 0.42 18.71
CA ASN A 140 -16.17 0.51 20.05
C ASN A 140 -17.61 1.02 20.00
N ASN A 141 -17.90 1.94 19.06
N ASN A 141 -17.87 1.91 19.03
CA ASN A 141 -19.28 2.32 18.81
CA ASN A 141 -19.22 2.38 18.74
C ASN A 141 -20.13 1.09 18.51
C ASN A 141 -20.15 1.21 18.41
N ALA A 142 -19.71 0.32 17.52
CA ALA A 142 -20.47 -0.87 17.16
C ALA A 142 -20.65 -1.82 18.34
N LYS A 143 -19.57 -2.11 19.08
CA LYS A 143 -19.66 -3.05 20.19
C LYS A 143 -20.65 -2.60 21.25
N THR A 144 -20.82 -1.29 21.46
CA THR A 144 -21.82 -0.80 22.42
C THR A 144 -23.23 -1.23 22.04
N GLN A 145 -23.48 -1.37 20.74
CA GLN A 145 -24.83 -1.61 20.25
C GLN A 145 -25.17 -3.08 20.03
N ILE A 146 -24.17 -3.97 19.98
CA ILE A 146 -24.40 -5.33 19.52
C ILE A 146 -24.17 -6.33 20.65
N LYS A 147 -24.52 -7.57 20.37
CA LYS A 147 -24.21 -8.67 21.26
C LYS A 147 -22.93 -9.34 20.77
N GLU A 148 -22.10 -9.76 21.72
CA GLU A 148 -20.89 -10.49 21.37
C GLU A 148 -20.88 -11.80 22.13
N CYS A 149 -20.01 -12.69 21.66
CA CYS A 149 -19.88 -14.02 22.23
C CYS A 149 -18.42 -14.44 22.09
N SER A 150 -17.89 -15.16 23.09
CA SER A 150 -16.49 -15.53 23.01
C SER A 150 -16.27 -16.68 22.02
N THR A 151 -15.00 -16.85 21.61
CA THR A 151 -14.68 -18.02 20.80
C THR A 151 -14.96 -19.31 21.58
N THR A 152 -14.67 -19.30 22.89
CA THR A 152 -14.91 -20.50 23.69
C THR A 152 -16.40 -20.84 23.68
N GLU A 153 -17.27 -19.82 23.82
CA GLU A 153 -18.69 -20.14 23.87
C GLU A 153 -19.17 -20.71 22.54
N LEU A 154 -18.71 -20.13 21.43
CA LEU A 154 -19.13 -20.63 20.12
C LEU A 154 -18.59 -22.04 19.89
N TYR A 155 -17.29 -22.24 20.16
CA TYR A 155 -16.69 -23.56 19.94
C TYR A 155 -17.36 -24.61 20.80
N ASN A 156 -17.69 -24.27 22.05
CA ASN A 156 -18.33 -25.26 22.92
C ASN A 156 -19.70 -25.64 22.38
N LYS A 157 -20.44 -24.67 21.84
CA LYS A 157 -21.74 -24.95 21.23
C LYS A 157 -21.58 -25.87 20.01
N ILE A 158 -20.62 -25.55 19.13
CA ILE A 158 -20.41 -26.39 17.95
C ILE A 158 -19.99 -27.79 18.38
N ASN A 159 -18.98 -27.88 19.25
CA ASN A 159 -18.45 -29.18 19.68
C ASN A 159 -19.50 -30.02 20.40
N SER A 160 -20.45 -29.38 21.07
CA SER A 160 -21.50 -30.05 21.82
C SER A 160 -22.77 -30.28 20.99
N GLN A 161 -22.71 -30.02 19.69
CA GLN A 161 -23.86 -30.20 18.79
C GLN A 161 -25.07 -29.40 19.28
N GLU A 162 -24.81 -28.18 19.72
CA GLU A 162 -25.85 -27.27 20.17
C GLU A 162 -25.74 -25.93 19.46
N LEU A 163 -25.15 -25.91 18.26
CA LEU A 163 -25.08 -24.68 17.50
C LEU A 163 -26.48 -24.17 17.26
N ASP A 164 -26.70 -22.88 17.55
CA ASP A 164 -28.02 -22.27 17.56
C ASP A 164 -28.12 -21.10 16.58
N GLY A 165 -27.26 -21.05 15.57
CA GLY A 165 -27.28 -19.93 14.64
C GLY A 165 -26.48 -20.29 13.40
N ILE A 166 -26.60 -19.43 12.40
CA ILE A 166 -25.81 -19.55 11.18
C ILE A 166 -24.51 -18.81 11.42
N VAL A 167 -23.39 -19.37 10.96
CA VAL A 167 -22.10 -18.73 11.17
C VAL A 167 -21.60 -18.22 9.82
N PHE A 168 -21.35 -16.91 9.73
CA PHE A 168 -20.74 -16.31 8.56
C PHE A 168 -19.33 -15.84 8.88
N ASP A 169 -18.41 -16.14 7.96
CA ASP A 169 -17.06 -15.59 7.92
C ASP A 169 -17.11 -14.34 7.04
N VAL A 170 -16.87 -13.17 7.63
CA VAL A 170 -17.02 -11.91 6.90
C VAL A 170 -15.65 -11.37 6.43
N ARG A 171 -14.61 -12.20 6.45
CA ARG A 171 -13.31 -11.80 5.91
C ARG A 171 -13.35 -11.79 4.37
N GLU A 172 -12.22 -11.41 3.77
CA GLU A 172 -12.08 -11.37 2.32
C GLU A 172 -11.96 -12.78 1.73
N ASP A 173 -12.17 -12.88 0.41
CA ASP A 173 -12.02 -14.15 -0.30
C ASP A 173 -10.71 -14.85 0.07
N SER A 174 -9.59 -14.12 -0.01
CA SER A 174 -8.28 -14.75 0.20
C SER A 174 -8.14 -15.31 1.61
N GLU A 175 -8.65 -14.57 2.60
CA GLU A 175 -8.59 -15.03 3.99
C GLU A 175 -9.43 -16.29 4.18
N PHE A 176 -10.69 -16.26 3.71
CA PHE A 176 -11.56 -17.44 3.85
C PHE A 176 -10.96 -18.65 3.16
N ASN A 177 -10.41 -18.45 1.96
CA ASN A 177 -9.89 -19.58 1.18
C ASN A 177 -8.73 -20.26 1.89
N ARG A 178 -7.89 -19.49 2.59
CA ARG A 178 -6.73 -20.10 3.27
C ARG A 178 -7.17 -21.03 4.38
N PHE A 179 -8.09 -20.58 5.25
CA PHE A 179 -8.72 -21.45 6.26
C PHE A 179 -9.87 -20.70 6.89
N HIS A 180 -10.76 -21.45 7.53
CA HIS A 180 -11.95 -20.86 8.15
C HIS A 180 -12.48 -21.82 9.21
N ILE A 181 -13.41 -21.34 10.03
CA ILE A 181 -14.07 -22.24 10.96
C ILE A 181 -14.92 -23.24 10.18
N GLN A 182 -14.76 -24.52 10.48
CA GLN A 182 -15.40 -25.57 9.68
C GLN A 182 -16.91 -25.35 9.57
N GLY A 183 -17.43 -25.43 8.35
CA GLY A 183 -18.84 -25.23 8.11
C GLY A 183 -19.31 -23.80 8.06
N ALA A 184 -18.43 -22.83 8.31
CA ALA A 184 -18.85 -21.44 8.20
C ALA A 184 -19.16 -21.12 6.74
N THR A 185 -20.10 -20.20 6.53
CA THR A 185 -20.44 -19.73 5.20
C THR A 185 -19.71 -18.41 4.95
N HIS A 186 -19.06 -18.32 3.79
CA HIS A 186 -18.34 -17.08 3.47
C HIS A 186 -19.34 -16.02 3.01
N LEU A 187 -19.37 -14.89 3.72
CA LEU A 187 -20.16 -13.74 3.27
C LEU A 187 -19.34 -12.51 3.67
N SER A 188 -18.54 -12.02 2.74
CA SER A 188 -17.61 -10.93 3.04
C SER A 188 -18.35 -9.70 3.58
N LYS A 189 -17.69 -8.98 4.49
CA LYS A 189 -18.28 -7.74 5.01
C LYS A 189 -18.58 -6.75 3.87
N GLY A 190 -17.81 -6.81 2.81
CA GLY A 190 -18.10 -5.95 1.67
C GLY A 190 -19.47 -6.21 1.08
N GLN A 191 -19.85 -7.49 1.01
CA GLN A 191 -21.09 -7.95 0.35
C GLN A 191 -22.25 -8.21 1.31
N ILE A 192 -22.04 -8.12 2.62
CA ILE A 192 -23.02 -8.70 3.54
C ILE A 192 -24.36 -7.96 3.46
N GLU A 193 -24.36 -6.62 3.40
CA GLU A 193 -25.66 -5.93 3.32
C GLU A 193 -26.36 -6.19 2.00
N VAL A 194 -25.60 -6.34 0.92
CA VAL A 194 -26.21 -6.61 -0.38
C VAL A 194 -26.92 -7.95 -0.40
N LYS A 195 -26.34 -8.96 0.24
CA LYS A 195 -26.80 -10.33 0.04
C LYS A 195 -27.65 -10.88 1.18
N ILE A 196 -27.67 -10.22 2.34
CA ILE A 196 -28.18 -10.89 3.54
C ILE A 196 -29.68 -11.16 3.42
N GLU A 197 -30.45 -10.23 2.82
CA GLU A 197 -31.90 -10.38 2.84
C GLU A 197 -32.34 -11.53 1.96
N ASN A 198 -31.60 -11.80 0.88
CA ASN A 198 -31.90 -12.97 0.04
C ASN A 198 -31.48 -14.26 0.73
N LEU A 199 -30.36 -14.24 1.44
CA LEU A 199 -29.84 -15.44 2.09
C LEU A 199 -30.59 -15.76 3.37
N VAL A 200 -30.90 -14.74 4.17
CA VAL A 200 -31.56 -14.92 5.47
C VAL A 200 -32.74 -13.97 5.55
N PRO A 201 -33.88 -14.31 4.93
CA PRO A 201 -35.04 -13.41 4.97
C PRO A 201 -35.68 -13.28 6.35
N ASN A 202 -35.55 -14.27 7.22
CA ASN A 202 -36.05 -14.17 8.58
C ASN A 202 -35.10 -13.29 9.38
N LYS A 203 -35.51 -12.05 9.66
CA LYS A 203 -34.58 -11.14 10.33
C LYS A 203 -34.39 -11.47 11.81
N GLN A 204 -35.15 -12.40 12.36
CA GLN A 204 -34.95 -12.87 13.72
C GLN A 204 -34.10 -14.11 13.80
N GLN A 205 -33.62 -14.62 12.65
CA GLN A 205 -32.72 -15.77 12.66
C GLN A 205 -31.42 -15.44 13.37
N LYS A 206 -30.96 -16.34 14.25
CA LYS A 206 -29.71 -16.08 14.95
C LYS A 206 -28.52 -16.24 14.01
N ILE A 207 -27.68 -15.21 13.97
CA ILE A 207 -26.55 -15.14 13.05
C ILE A 207 -25.30 -14.83 13.86
N TYR A 208 -24.25 -15.63 13.67
CA TYR A 208 -22.92 -15.32 14.22
C TYR A 208 -22.03 -14.83 13.09
N LEU A 209 -21.33 -13.72 13.33
CA LEU A 209 -20.35 -13.16 12.41
C LEU A 209 -18.98 -13.21 13.05
N TYR A 210 -17.98 -13.70 12.31
CA TYR A 210 -16.61 -13.56 12.78
C TYR A 210 -15.70 -13.02 11.68
N CYS A 211 -14.63 -12.36 12.12
CA CYS A 211 -13.57 -11.92 11.20
C CYS A 211 -12.23 -12.27 11.82
N GLY A 212 -11.18 -11.51 11.50
CA GLY A 212 -9.86 -11.84 12.00
C GLY A 212 -9.68 -11.53 13.48
N SER A 213 -10.39 -10.54 13.99
CA SER A 213 -10.05 -9.91 15.25
C SER A 213 -11.25 -9.57 16.13
N GLY A 214 -12.47 -9.72 15.65
CA GLY A 214 -13.63 -9.20 16.33
C GLY A 214 -14.02 -7.80 15.91
N PHE A 215 -13.21 -7.12 15.07
CA PHE A 215 -13.47 -5.71 14.77
C PHE A 215 -14.36 -5.53 13.54
N ARG A 216 -13.99 -6.15 12.41
CA ARG A 216 -14.84 -6.08 11.21
C ARG A 216 -16.20 -6.71 11.46
N SER A 217 -16.25 -7.81 12.20
CA SER A 217 -17.53 -8.46 12.45
C SER A 217 -18.44 -7.60 13.32
N ALA A 218 -17.86 -6.80 14.23
CA ALA A 218 -18.67 -5.89 15.03
C ALA A 218 -19.30 -4.81 14.16
N LEU A 219 -18.52 -4.25 13.23
CA LEU A 219 -19.04 -3.27 12.30
C LEU A 219 -20.15 -3.87 11.43
N ALA A 220 -19.92 -5.07 10.92
CA ALA A 220 -20.94 -5.76 10.12
C ALA A 220 -22.22 -6.01 10.93
N ALA A 221 -22.06 -6.44 12.18
CA ALA A 221 -23.23 -6.71 13.01
C ALA A 221 -24.04 -5.44 13.28
N GLU A 222 -23.35 -4.31 13.52
CA GLU A 222 -24.07 -3.04 13.70
C GLU A 222 -24.89 -2.72 12.46
N SER A 223 -24.28 -2.92 11.27
CA SER A 223 -24.97 -2.62 10.03
C SER A 223 -26.19 -3.51 9.82
N LEU A 224 -26.06 -4.81 10.10
CA LEU A 224 -27.24 -5.69 10.00
C LEU A 224 -28.33 -5.28 10.97
N GLN A 225 -27.97 -4.76 12.14
CA GLN A 225 -29.00 -4.30 13.08
C GLN A 225 -29.78 -3.13 12.49
N HIS A 226 -29.11 -2.22 11.79
CA HIS A 226 -29.80 -1.10 11.14
C HIS A 226 -30.77 -1.60 10.08
N MSE A 227 -30.55 -2.80 9.56
CA MSE A 227 -31.46 -3.38 8.59
C MSE A 227 -32.59 -4.19 9.23
O MSE A 227 -33.41 -4.76 8.53
CB MSE A 227 -30.67 -4.27 7.62
CG MSE A 227 -29.72 -3.46 6.78
SE MSE A 227 -28.62 -4.62 5.70
CE MSE A 227 -29.96 -5.25 4.49
N GLY A 228 -32.62 -4.24 10.55
CA GLY A 228 -33.69 -4.92 11.26
C GLY A 228 -33.40 -6.35 11.71
N TYR A 229 -32.16 -6.82 11.57
CA TYR A 229 -31.78 -8.11 12.11
C TYR A 229 -31.59 -7.97 13.61
N THR A 230 -32.33 -8.76 14.39
CA THR A 230 -32.38 -8.58 15.84
C THR A 230 -31.62 -9.62 16.63
N ASN A 231 -31.04 -10.64 16.00
CA ASN A 231 -30.33 -11.69 16.75
C ASN A 231 -28.95 -11.95 16.14
N VAL A 232 -28.19 -10.87 15.86
CA VAL A 232 -26.85 -10.99 15.29
C VAL A 232 -25.87 -10.98 16.44
N VAL A 233 -24.80 -11.75 16.31
CA VAL A 233 -23.82 -11.88 17.39
C VAL A 233 -22.45 -11.84 16.74
N SER A 234 -21.57 -11.00 17.27
CA SER A 234 -20.19 -10.92 16.80
C SER A 234 -19.30 -11.76 17.72
N ILE A 235 -18.30 -12.44 17.13
CA ILE A 235 -17.42 -13.30 17.92
C ILE A 235 -16.24 -12.46 18.38
N ALA A 236 -16.21 -12.14 19.67
CA ALA A 236 -15.12 -11.33 20.21
C ALA A 236 -13.78 -11.98 19.96
N GLY A 237 -12.79 -11.18 19.55
CA GLY A 237 -11.44 -11.69 19.33
C GLY A 237 -11.22 -12.37 18.00
N GLY A 238 -12.28 -12.74 17.28
CA GLY A 238 -12.19 -13.27 15.92
C GLY A 238 -11.39 -14.57 15.85
N ILE A 239 -10.97 -14.90 14.62
CA ILE A 239 -10.29 -16.16 14.40
C ILE A 239 -8.86 -16.12 14.96
N LYS A 240 -8.31 -14.93 15.19
CA LYS A 240 -7.06 -14.83 15.92
C LYS A 240 -7.18 -15.41 17.33
N ASP A 241 -8.21 -14.98 18.08
CA ASP A 241 -8.42 -15.52 19.43
C ASP A 241 -8.78 -17.01 19.37
N TRP A 242 -9.53 -17.40 18.34
CA TRP A 242 -9.88 -18.81 18.11
C TRP A 242 -8.63 -19.67 17.97
N LEU A 243 -7.70 -19.22 17.13
CA LEU A 243 -6.45 -19.95 16.98
C LEU A 243 -5.60 -19.89 18.23
N ALA A 244 -5.65 -18.77 18.96
CA ALA A 244 -4.87 -18.68 20.20
C ALA A 244 -5.33 -19.72 21.22
N ASN A 245 -6.61 -20.05 21.22
CA ASN A 245 -7.13 -21.10 22.07
C ASN A 245 -6.95 -22.48 21.47
N ASN A 246 -6.22 -22.57 20.35
CA ASN A 246 -5.93 -23.82 19.67
C ASN A 246 -7.20 -24.52 19.18
N TYR A 247 -8.24 -23.75 18.91
CA TYR A 247 -9.44 -24.32 18.29
C TYR A 247 -9.15 -24.55 16.81
N PRO A 248 -9.78 -25.57 16.21
CA PRO A 248 -9.38 -26.01 14.87
C PRO A 248 -10.00 -25.17 13.75
N VAL A 249 -9.31 -25.21 12.61
CA VAL A 249 -9.76 -24.52 11.38
C VAL A 249 -9.63 -25.49 10.21
N SER A 250 -10.26 -25.13 9.09
CA SER A 250 -10.42 -26.04 7.97
C SER A 250 -10.20 -25.30 6.65
N GLN A 251 -9.64 -26.02 5.68
CA GLN A 251 -9.47 -25.52 4.32
C GLN A 251 -10.26 -26.39 3.36
N ASN A 252 -10.91 -25.77 2.38
CA ASN A 252 -11.72 -26.47 1.40
C ASN A 252 -10.86 -27.23 0.40
N LYS B 2 -24.14 -7.26 -15.63
CA LYS B 2 -24.71 -8.04 -14.54
C LYS B 2 -25.96 -7.36 -13.94
N ILE B 3 -27.12 -7.96 -14.19
CA ILE B 3 -28.38 -7.43 -13.67
C ILE B 3 -28.45 -7.69 -12.17
N MSE B 4 -28.61 -6.63 -11.39
CA MSE B 4 -28.66 -6.76 -9.94
C MSE B 4 -30.08 -6.64 -9.40
O MSE B 4 -30.90 -5.90 -9.93
CB MSE B 4 -27.76 -5.71 -9.28
CG MSE B 4 -26.28 -5.93 -9.53
SE MSE B 4 -25.67 -7.62 -8.79
CE MSE B 4 -26.27 -7.36 -6.95
N GLN B 5 -30.38 -7.40 -8.34
CA GLN B 5 -31.67 -7.37 -7.66
C GLN B 5 -31.44 -6.95 -6.22
N HIS B 6 -31.34 -5.65 -6.00
CA HIS B 6 -31.02 -5.12 -4.66
C HIS B 6 -32.27 -5.08 -3.80
N SER B 7 -32.10 -5.46 -2.54
CA SER B 7 -33.21 -5.55 -1.62
C SER B 7 -33.52 -4.18 -1.01
N SER B 8 -34.75 -4.06 -0.50
CA SER B 8 -35.18 -2.77 0.04
C SER B 8 -34.37 -2.37 1.26
N GLY B 9 -34.04 -3.32 2.13
CA GLY B 9 -33.28 -2.98 3.33
C GLY B 9 -31.90 -2.44 3.02
N PHE B 10 -31.21 -3.04 2.05
CA PHE B 10 -29.92 -2.52 1.62
C PHE B 10 -30.06 -1.09 1.08
N LEU B 11 -31.07 -0.88 0.24
CA LEU B 11 -31.20 0.43 -0.40
C LEU B 11 -31.61 1.51 0.59
N LYS B 12 -32.31 1.16 1.68
CA LYS B 12 -32.55 2.16 2.72
C LYS B 12 -31.24 2.63 3.33
N LEU B 13 -30.32 1.69 3.62
CA LEU B 13 -29.00 2.07 4.12
C LEU B 13 -28.29 2.97 3.14
N VAL B 14 -28.35 2.61 1.86
CA VAL B 14 -27.69 3.37 0.81
C VAL B 14 -28.29 4.76 0.68
N ASP B 15 -29.62 4.86 0.74
CA ASP B 15 -30.26 6.18 0.64
C ASP B 15 -29.82 7.08 1.79
N ASP B 16 -29.72 6.52 2.99
CA ASP B 16 -29.26 7.27 4.15
C ASP B 16 -27.82 7.75 3.96
N ALA B 17 -26.95 6.86 3.48
CA ALA B 17 -25.55 7.24 3.22
C ALA B 17 -25.46 8.33 2.16
N LYS B 18 -26.19 8.17 1.06
CA LYS B 18 -26.08 9.12 -0.05
C LYS B 18 -26.52 10.51 0.37
N SER B 19 -27.36 10.62 1.40
CA SER B 19 -27.79 11.93 1.87
C SER B 19 -26.69 12.71 2.56
N ARG B 20 -25.55 12.10 2.88
CA ARG B 20 -24.48 12.77 3.61
C ARG B 20 -23.20 12.91 2.81
N ILE B 21 -23.13 12.35 1.62
CA ILE B 21 -21.87 12.34 0.88
C ILE B 21 -22.06 12.98 -0.48
N GLN B 22 -20.95 13.40 -1.07
CA GLN B 22 -20.92 14.00 -2.39
C GLN B 22 -20.74 12.91 -3.43
N GLU B 23 -21.48 13.02 -4.55
CA GLU B 23 -21.33 12.08 -5.65
C GLU B 23 -20.84 12.81 -6.90
N CYS B 24 -20.15 12.06 -7.76
CA CYS B 24 -19.82 12.53 -9.10
C CYS B 24 -20.29 11.49 -10.12
N SER B 25 -20.17 11.82 -11.41
CA SER B 25 -20.55 10.89 -12.46
C SER B 25 -19.35 10.08 -12.95
N VAL B 26 -19.66 8.98 -13.64
CA VAL B 26 -18.59 8.26 -14.34
C VAL B 26 -17.98 9.14 -15.43
N ASP B 27 -18.77 10.06 -15.99
CA ASP B 27 -18.21 10.99 -16.97
C ASP B 27 -17.10 11.84 -16.37
N ASP B 28 -17.29 12.30 -15.12
CA ASP B 28 -16.26 13.12 -14.47
C ASP B 28 -14.96 12.35 -14.34
N ILE B 29 -15.06 11.08 -13.93
CA ILE B 29 -13.87 10.25 -13.81
C ILE B 29 -13.22 10.06 -15.17
N GLN B 30 -14.01 9.70 -16.17
CA GLN B 30 -13.46 9.46 -17.51
C GLN B 30 -12.79 10.72 -18.06
N LYS B 31 -13.41 11.90 -17.87
CA LYS B 31 -12.81 13.11 -18.40
C LYS B 31 -11.49 13.43 -17.69
N MSE B 32 -11.44 13.24 -16.38
CA MSE B 32 -10.16 13.44 -15.67
C MSE B 32 -9.09 12.42 -16.11
O MSE B 32 -7.93 12.79 -16.29
CB MSE B 32 -10.38 13.36 -14.15
CG MSE B 32 -11.01 14.64 -13.61
SE MSE B 32 -11.06 14.62 -11.67
CE MSE B 32 -12.47 13.31 -11.43
N ASN B 33 -9.48 11.16 -16.31
CA ASN B 33 -8.52 10.16 -16.77
C ASN B 33 -7.98 10.52 -18.15
N GLU B 34 -8.87 10.93 -19.06
CA GLU B 34 -8.45 11.16 -20.44
C GLU B 34 -7.54 12.36 -20.57
N THR B 35 -7.71 13.37 -19.71
CA THR B 35 -6.91 14.59 -19.74
C THR B 35 -5.76 14.58 -18.74
N GLN B 36 -5.56 13.47 -18.01
CA GLN B 36 -4.54 13.35 -16.97
C GLN B 36 -4.70 14.46 -15.91
N THR B 37 -5.94 14.65 -15.47
CA THR B 37 -6.24 15.66 -14.46
C THR B 37 -6.96 15.06 -13.25
N LEU B 38 -6.86 13.75 -13.06
CA LEU B 38 -7.46 13.14 -11.88
C LEU B 38 -6.80 13.71 -10.62
N ASP B 39 -7.63 14.19 -9.69
CA ASP B 39 -7.13 15.01 -8.59
C ASP B 39 -7.32 14.34 -7.25
N GLY B 40 -7.50 13.02 -7.23
CA GLY B 40 -7.57 12.29 -5.98
C GLY B 40 -7.22 10.84 -6.22
N LEU B 41 -7.18 10.08 -5.13
CA LEU B 41 -7.09 8.63 -5.27
C LEU B 41 -8.41 8.11 -5.84
N LEU B 42 -8.31 7.17 -6.77
CA LEU B 42 -9.48 6.49 -7.30
C LEU B 42 -9.43 5.09 -6.73
N ILE B 43 -10.45 4.73 -5.95
CA ILE B 43 -10.43 3.53 -5.11
C ILE B 43 -11.59 2.62 -5.48
N ASP B 44 -11.25 1.43 -5.97
CA ASP B 44 -12.21 0.35 -6.24
C ASP B 44 -12.51 -0.36 -4.92
N THR B 45 -13.77 -0.33 -4.45
CA THR B 45 -14.14 -0.95 -3.19
C THR B 45 -14.75 -2.33 -3.38
N ARG B 46 -14.66 -2.92 -4.58
CA ARG B 46 -15.29 -4.20 -4.80
C ARG B 46 -14.46 -5.34 -4.23
N GLU B 47 -15.04 -6.55 -4.29
CA GLU B 47 -14.38 -7.75 -3.81
C GLU B 47 -13.18 -8.10 -4.67
N GLU B 48 -12.26 -8.89 -4.10
CA GLU B 48 -11.13 -9.40 -4.88
C GLU B 48 -11.61 -10.11 -6.16
N SER B 49 -12.65 -10.92 -6.05
CA SER B 49 -13.08 -11.71 -7.21
C SER B 49 -13.68 -10.82 -8.30
N GLU B 50 -14.20 -9.65 -7.93
CA GLU B 50 -14.73 -8.70 -8.90
C GLU B 50 -13.60 -7.96 -9.63
N VAL B 51 -12.61 -7.46 -8.86
CA VAL B 51 -11.54 -6.68 -9.46
C VAL B 51 -10.70 -7.55 -10.38
N ALA B 52 -10.62 -8.84 -10.09
CA ALA B 52 -9.86 -9.76 -10.95
C ALA B 52 -10.42 -9.80 -12.36
N ASN B 53 -11.67 -9.38 -12.58
CA ASN B 53 -12.28 -9.38 -13.91
C ASN B 53 -12.12 -8.06 -14.65
N GLY B 54 -11.41 -7.08 -14.10
CA GLY B 54 -11.21 -5.81 -14.77
C GLY B 54 -11.60 -4.66 -13.87
N TYR B 55 -10.98 -3.50 -14.11
CA TYR B 55 -11.20 -2.35 -13.25
C TYR B 55 -10.99 -1.05 -14.03
N ILE B 56 -11.24 0.08 -13.37
CA ILE B 56 -11.21 1.37 -14.05
C ILE B 56 -9.78 1.89 -14.08
N PRO B 57 -9.32 2.48 -15.19
CA PRO B 57 -7.94 3.00 -15.23
C PRO B 57 -7.66 3.99 -14.10
N ASN B 58 -6.42 3.94 -13.59
CA ASN B 58 -5.92 4.76 -12.48
C ASN B 58 -6.45 4.31 -11.13
N ALA B 59 -7.19 3.20 -11.05
CA ALA B 59 -7.71 2.77 -9.76
C ALA B 59 -6.69 1.97 -8.93
N ILE B 60 -6.88 2.03 -7.61
CA ILE B 60 -6.25 1.11 -6.67
C ILE B 60 -7.37 0.39 -5.92
N HIS B 61 -7.00 -0.71 -5.25
CA HIS B 61 -7.98 -1.59 -4.62
C HIS B 61 -7.94 -1.46 -3.11
N LEU B 62 -9.09 -1.12 -2.50
CA LEU B 62 -9.28 -1.19 -1.05
C LEU B 62 -10.74 -1.60 -0.84
N SER B 63 -10.98 -2.89 -0.63
CA SER B 63 -12.34 -3.39 -0.61
C SER B 63 -13.12 -2.78 0.55
N LYS B 64 -14.44 -2.67 0.36
CA LYS B 64 -15.31 -2.19 1.42
C LYS B 64 -15.15 -3.00 2.69
N GLY B 65 -14.84 -4.29 2.58
CA GLY B 65 -14.72 -5.10 3.78
C GLY B 65 -13.58 -4.65 4.67
N ILE B 66 -12.45 -4.28 4.08
CA ILE B 66 -11.25 -3.97 4.85
C ILE B 66 -10.96 -2.48 4.97
N ILE B 67 -11.72 -1.60 4.30
CA ILE B 67 -11.23 -0.22 4.14
C ILE B 67 -11.16 0.51 5.50
N GLU B 68 -12.15 0.34 6.40
CA GLU B 68 -12.04 1.07 7.67
C GLU B 68 -10.83 0.60 8.47
N SER B 69 -10.55 -0.70 8.44
CA SER B 69 -9.42 -1.23 9.20
C SER B 69 -8.07 -0.80 8.64
N ALA B 70 -8.02 -0.39 7.37
CA ALA B 70 -6.78 -0.14 6.67
C ALA B 70 -6.50 1.34 6.40
N ILE B 71 -7.52 2.19 6.44
CA ILE B 71 -7.37 3.52 5.82
C ILE B 71 -6.40 4.40 6.60
N GLU B 72 -6.36 4.28 7.92
CA GLU B 72 -5.50 5.22 8.65
C GLU B 72 -4.02 4.91 8.41
N SER B 73 -3.68 3.65 8.15
CA SER B 73 -2.31 3.29 7.77
C SER B 73 -2.02 3.59 6.31
N ALA B 74 -2.98 3.33 5.43
CA ALA B 74 -2.76 3.46 4.00
C ALA B 74 -2.83 4.91 3.51
N VAL B 75 -3.72 5.70 4.10
CA VAL B 75 -3.95 7.10 3.73
C VAL B 75 -4.09 7.87 5.04
N PRO B 76 -2.97 8.20 5.71
CA PRO B 76 -3.06 8.89 7.00
C PRO B 76 -3.66 10.29 6.92
N ASN B 77 -3.57 10.94 5.76
CA ASN B 77 -3.98 12.34 5.59
C ASN B 77 -5.49 12.42 5.50
N LYS B 78 -6.13 12.98 6.55
CA LYS B 78 -7.58 13.09 6.53
C LYS B 78 -8.10 14.06 5.48
N ASN B 79 -7.24 14.94 4.95
CA ASN B 79 -7.65 15.81 3.86
C ASN B 79 -7.46 15.19 2.47
N GLN B 80 -7.00 13.93 2.36
CA GLN B 80 -6.74 13.37 1.04
C GLN B 80 -8.03 13.16 0.27
N LYS B 81 -8.07 13.68 -0.96
CA LYS B 81 -9.25 13.55 -1.81
C LYS B 81 -9.32 12.14 -2.37
N MSE B 82 -10.48 11.51 -2.25
CA MSE B 82 -10.64 10.12 -2.67
C MSE B 82 -11.96 9.95 -3.37
O MSE B 82 -13.00 10.41 -2.89
CB MSE B 82 -10.57 9.16 -1.47
CG MSE B 82 -9.18 9.19 -0.81
SE MSE B 82 -9.09 7.99 0.71
CE MSE B 82 -9.98 9.05 2.04
N TYR B 83 -11.93 9.27 -4.51
CA TYR B 83 -13.13 8.87 -5.25
C TYR B 83 -13.31 7.38 -5.06
N PHE B 84 -14.52 6.95 -4.68
CA PHE B 84 -14.82 5.54 -4.47
C PHE B 84 -15.80 5.03 -5.51
N TYR B 85 -15.56 3.83 -6.04
CA TYR B 85 -16.56 3.21 -6.89
C TYR B 85 -16.73 1.75 -6.52
N CYS B 86 -17.89 1.22 -6.87
CA CYS B 86 -18.22 -0.19 -6.63
C CYS B 86 -18.94 -0.69 -7.88
N GLY B 87 -19.73 -1.76 -7.72
CA GLY B 87 -20.46 -2.29 -8.86
C GLY B 87 -21.49 -1.35 -9.43
N GLY B 88 -22.14 -0.55 -8.58
CA GLY B 88 -23.27 0.19 -9.07
C GLY B 88 -23.57 1.50 -8.39
N GLY B 89 -22.64 1.96 -7.56
CA GLY B 89 -22.77 3.24 -6.88
C GLY B 89 -23.43 3.14 -5.52
N PHE B 90 -23.67 1.93 -5.03
CA PHE B 90 -24.39 1.73 -3.78
C PHE B 90 -23.44 1.39 -2.63
N ARG B 91 -22.65 0.30 -2.77
CA ARG B 91 -21.63 0.01 -1.76
C ARG B 91 -20.67 1.19 -1.58
N SER B 92 -20.32 1.89 -2.68
CA SER B 92 -19.32 2.95 -2.56
C SER B 92 -19.85 4.14 -1.77
N ALA B 93 -21.17 4.36 -1.80
CA ALA B 93 -21.76 5.41 -0.96
C ALA B 93 -21.66 5.04 0.52
N LEU B 94 -21.88 3.77 0.85
CA LEU B 94 -21.69 3.35 2.24
C LEU B 94 -20.24 3.54 2.67
N VAL B 95 -19.29 3.22 1.77
CA VAL B 95 -17.87 3.43 2.09
C VAL B 95 -17.58 4.90 2.31
N ALA B 96 -17.98 5.75 1.37
CA ALA B 96 -17.68 7.17 1.53
C ALA B 96 -18.28 7.72 2.82
N ASP B 97 -19.49 7.29 3.17
CA ASP B 97 -20.13 7.80 4.38
C ASP B 97 -19.41 7.34 5.62
N LYS B 98 -18.90 6.09 5.62
CA LYS B 98 -18.17 5.60 6.78
C LYS B 98 -16.84 6.32 6.95
N LEU B 99 -16.15 6.59 5.84
CA LEU B 99 -14.89 7.31 5.94
C LEU B 99 -15.14 8.76 6.37
N ARG B 100 -16.24 9.34 5.91
CA ARG B 100 -16.63 10.67 6.38
C ARG B 100 -16.84 10.64 7.89
N GLU B 101 -17.49 9.59 8.40
CA GLU B 101 -17.71 9.45 9.84
C GLU B 101 -16.39 9.40 10.61
N MSE B 102 -15.33 8.84 10.00
CA MSE B 102 -14.01 8.72 10.60
C MSE B 102 -13.19 9.99 10.48
O MSE B 102 -12.08 10.07 11.01
CB MSE B 102 -13.23 7.55 9.98
CG MSE B 102 -13.95 6.21 10.11
SE MSE B 102 -13.02 4.83 9.08
CE MSE B 102 -11.38 4.74 10.08
N GLY B 103 -13.74 10.99 9.79
CA GLY B 103 -13.02 12.24 9.65
C GLY B 103 -12.43 12.50 8.27
N TYR B 104 -12.59 11.59 7.32
CA TYR B 104 -12.15 11.81 5.93
C TYR B 104 -13.31 12.46 5.18
N LYS B 105 -13.30 13.78 5.13
CA LYS B 105 -14.44 14.49 4.58
C LYS B 105 -14.31 14.73 3.08
N ASN B 106 -13.10 14.61 2.54
CA ASN B 106 -12.82 14.92 1.14
C ASN B 106 -13.07 13.69 0.28
N VAL B 107 -14.30 13.16 0.38
CA VAL B 107 -14.64 11.89 -0.24
C VAL B 107 -15.80 12.06 -1.20
N ILE B 108 -15.78 11.28 -2.28
CA ILE B 108 -16.77 11.34 -3.34
C ILE B 108 -17.09 9.91 -3.77
N SER B 109 -18.37 9.61 -3.92
CA SER B 109 -18.80 8.33 -4.47
C SER B 109 -19.21 8.47 -5.94
N VAL B 110 -18.79 7.53 -6.77
CA VAL B 110 -19.02 7.60 -8.22
C VAL B 110 -20.39 6.99 -8.51
N ASP B 111 -21.37 7.85 -8.76
CA ASP B 111 -22.74 7.37 -9.01
C ASP B 111 -22.75 6.41 -10.20
N GLY B 112 -23.47 5.30 -10.07
CA GLY B 112 -23.59 4.34 -11.16
C GLY B 112 -22.48 3.32 -11.23
N GLY B 113 -21.30 3.66 -10.71
CA GLY B 113 -20.20 2.69 -10.55
C GLY B 113 -19.75 2.00 -11.82
N TRP B 114 -19.21 0.79 -11.64
CA TRP B 114 -18.71 -0.04 -12.72
C TRP B 114 -19.78 -0.33 -13.78
N ARG B 115 -21.02 -0.54 -13.36
CA ARG B 115 -22.08 -0.79 -14.32
C ARG B 115 -22.28 0.40 -15.25
N ALA B 116 -22.33 1.63 -14.71
CA ALA B 116 -22.50 2.79 -15.60
C ALA B 116 -21.26 3.02 -16.46
N TRP B 117 -20.08 2.78 -15.89
CA TRP B 117 -18.83 2.88 -16.63
C TRP B 117 -18.88 2.01 -17.87
N ASN B 118 -19.25 0.74 -17.71
CA ASN B 118 -19.30 -0.15 -18.86
C ASN B 118 -20.52 0.10 -19.74
N ALA B 119 -21.63 0.58 -19.19
CA ALA B 119 -22.78 0.90 -20.05
C ALA B 119 -22.41 1.98 -21.07
N LYS B 120 -21.52 2.90 -20.71
CA LYS B 120 -21.06 3.94 -21.61
C LYS B 120 -19.86 3.52 -22.46
N GLY B 121 -19.38 2.29 -22.29
CA GLY B 121 -18.30 1.80 -23.14
C GLY B 121 -16.95 2.43 -22.84
N TYR B 122 -16.75 2.90 -21.62
CA TYR B 122 -15.48 3.51 -21.25
C TYR B 122 -14.39 2.46 -21.09
N PRO B 123 -13.13 2.85 -21.25
CA PRO B 123 -12.04 1.86 -21.26
C PRO B 123 -11.81 1.23 -19.89
N THR B 124 -11.39 -0.03 -19.92
CA THR B 124 -11.14 -0.80 -18.71
C THR B 124 -9.76 -1.43 -18.82
N VAL B 125 -9.27 -1.89 -17.66
CA VAL B 125 -7.98 -2.55 -17.53
C VAL B 125 -8.23 -3.94 -16.98
N SER B 126 -7.50 -4.98 -17.53
CA SER B 126 -7.52 -6.23 -16.76
C SER B 126 -6.30 -6.33 -15.84
N PRO B 127 -6.41 -7.00 -14.69
CA PRO B 127 -5.22 -7.14 -13.84
C PRO B 127 -4.03 -7.77 -14.53
N ASN B 128 -4.26 -8.65 -15.51
CA ASN B 128 -3.13 -9.20 -16.26
C ASN B 128 -2.56 -8.25 -17.30
N GLN B 129 -3.24 -7.14 -17.61
CA GLN B 129 -2.66 -6.14 -18.51
C GLN B 129 -1.55 -5.37 -17.83
N PHE B 130 -1.57 -5.29 -16.50
CA PHE B 130 -0.70 -4.35 -15.81
C PHE B 130 0.77 -4.67 -16.07
N ARG B 131 1.54 -3.63 -16.39
CA ARG B 131 2.97 -3.74 -16.51
C ARG B 131 3.51 -2.42 -15.99
N PRO B 132 4.57 -2.45 -15.16
CA PRO B 132 5.18 -1.16 -14.73
C PRO B 132 6.03 -0.61 -15.86
N ASN B 133 5.32 -0.11 -16.89
CA ASN B 133 5.95 0.28 -18.13
C ASN B 133 7.05 1.33 -17.94
N GLU B 134 6.78 2.36 -17.11
CA GLU B 134 7.78 3.43 -16.96
C GLU B 134 9.00 2.92 -16.20
N PHE B 135 8.77 2.10 -15.17
CA PHE B 135 9.90 1.48 -14.47
C PHE B 135 10.73 0.62 -15.42
N LEU B 136 10.06 -0.19 -16.26
CA LEU B 136 10.83 -1.05 -17.16
C LEU B 136 11.57 -0.24 -18.22
N LYS B 137 11.02 0.92 -18.61
CA LYS B 137 11.72 1.80 -19.54
C LYS B 137 12.99 2.36 -18.92
N LEU B 138 12.90 2.81 -17.65
CA LEU B 138 14.09 3.26 -16.93
C LEU B 138 15.14 2.15 -16.83
N VAL B 139 14.70 0.91 -16.55
CA VAL B 139 15.64 -0.21 -16.43
C VAL B 139 16.36 -0.46 -17.76
N ASN B 140 15.60 -0.49 -18.86
CA ASN B 140 16.21 -0.68 -20.18
C ASN B 140 17.13 0.49 -20.51
N ASN B 141 16.73 1.70 -20.12
N ASN B 141 16.75 1.71 -20.12
CA ASN B 141 17.56 2.89 -20.22
CA ASN B 141 17.65 2.85 -20.27
C ASN B 141 18.93 2.67 -19.55
C ASN B 141 18.97 2.58 -19.57
N ALA B 142 18.91 2.16 -18.32
CA ALA B 142 20.14 1.89 -17.58
C ALA B 142 20.96 0.77 -18.21
N LYS B 143 20.30 -0.35 -18.57
CA LYS B 143 21.02 -1.48 -19.14
C LYS B 143 21.75 -1.11 -20.42
N THR B 144 21.21 -0.18 -21.19
CA THR B 144 21.91 0.28 -22.39
C THR B 144 23.29 0.84 -22.07
N GLN B 145 23.44 1.45 -20.90
CA GLN B 145 24.64 2.21 -20.59
C GLN B 145 25.64 1.47 -19.73
N ILE B 146 25.26 0.35 -19.10
CA ILE B 146 26.08 -0.24 -18.04
C ILE B 146 26.64 -1.58 -18.52
N LYS B 147 27.51 -2.15 -17.70
CA LYS B 147 28.00 -3.51 -17.92
C LYS B 147 27.27 -4.45 -16.99
N GLU B 148 26.99 -5.66 -17.46
CA GLU B 148 26.36 -6.69 -16.65
C GLU B 148 27.16 -7.98 -16.74
N CYS B 149 27.08 -8.79 -15.70
CA CYS B 149 27.63 -10.14 -15.76
C CYS B 149 26.62 -11.09 -15.11
N SER B 150 26.80 -12.39 -15.35
CA SER B 150 25.81 -13.35 -14.89
C SER B 150 26.03 -13.70 -13.42
N THR B 151 25.01 -14.33 -12.81
CA THR B 151 25.20 -14.89 -11.47
C THR B 151 26.29 -15.96 -11.46
N THR B 152 26.36 -16.78 -12.52
CA THR B 152 27.37 -17.83 -12.59
C THR B 152 28.78 -17.24 -12.67
N GLU B 153 28.95 -16.15 -13.43
CA GLU B 153 30.26 -15.50 -13.46
C GLU B 153 30.67 -15.03 -12.07
N LEU B 154 29.75 -14.39 -11.34
CA LEU B 154 30.06 -13.94 -9.99
C LEU B 154 30.32 -15.12 -9.06
N TYR B 155 29.46 -16.15 -9.14
CA TYR B 155 29.62 -17.34 -8.31
C TYR B 155 30.98 -18.00 -8.56
N ASN B 156 31.34 -18.20 -9.83
CA ASN B 156 32.61 -18.83 -10.16
C ASN B 156 33.79 -18.00 -9.65
N LYS B 157 33.69 -16.68 -9.78
CA LYS B 157 34.77 -15.83 -9.30
C LYS B 157 34.95 -15.95 -7.80
N ILE B 158 33.85 -15.96 -7.04
CA ILE B 158 33.94 -16.09 -5.59
C ILE B 158 34.56 -17.43 -5.20
N ASN B 159 34.12 -18.51 -5.85
CA ASN B 159 34.60 -19.85 -5.47
C ASN B 159 35.97 -20.17 -6.02
N SER B 160 36.50 -19.37 -6.94
CA SER B 160 37.87 -19.54 -7.42
C SER B 160 38.85 -18.69 -6.64
N GLN B 161 38.38 -18.00 -5.59
CA GLN B 161 39.12 -16.93 -4.92
C GLN B 161 39.73 -16.00 -5.99
N GLU B 162 38.96 -15.73 -7.03
CA GLU B 162 39.33 -14.77 -8.06
C GLU B 162 38.45 -13.53 -8.00
N LEU B 163 37.82 -13.28 -6.86
CA LEU B 163 36.92 -12.13 -6.74
C LEU B 163 37.72 -10.86 -6.93
N ASP B 164 37.30 -10.06 -7.91
CA ASP B 164 38.08 -8.92 -8.38
C ASP B 164 37.36 -7.61 -8.11
N GLY B 165 36.37 -7.60 -7.23
CA GLY B 165 35.60 -6.40 -7.01
C GLY B 165 34.90 -6.45 -5.68
N ILE B 166 34.40 -5.30 -5.27
CA ILE B 166 33.63 -5.18 -4.03
C ILE B 166 32.16 -5.42 -4.37
N VAL B 167 31.48 -6.25 -3.57
CA VAL B 167 30.11 -6.67 -3.85
C VAL B 167 29.15 -5.98 -2.90
N PHE B 168 28.19 -5.25 -3.46
CA PHE B 168 27.15 -4.56 -2.68
C PHE B 168 25.79 -5.15 -3.01
N ASP B 169 25.02 -5.43 -1.96
CA ASP B 169 23.61 -5.77 -2.03
C ASP B 169 22.82 -4.47 -1.88
N VAL B 170 22.13 -4.05 -2.94
CA VAL B 170 21.48 -2.73 -2.96
C VAL B 170 19.99 -2.85 -2.62
N ARG B 171 19.56 -3.98 -2.07
CA ARG B 171 18.18 -4.19 -1.66
C ARG B 171 17.91 -3.44 -0.34
N GLU B 172 16.70 -3.58 0.18
CA GLU B 172 16.31 -2.93 1.42
C GLU B 172 16.88 -3.66 2.64
N ASP B 173 16.83 -2.98 3.79
CA ASP B 173 17.27 -3.59 5.06
C ASP B 173 16.63 -4.96 5.26
N SER B 174 15.30 -5.04 5.14
CA SER B 174 14.60 -6.29 5.43
C SER B 174 15.03 -7.40 4.48
N GLU B 175 15.27 -7.08 3.22
CA GLU B 175 15.71 -8.07 2.24
C GLU B 175 17.10 -8.60 2.59
N PHE B 176 18.04 -7.70 2.87
CA PHE B 176 19.41 -8.11 3.21
C PHE B 176 19.43 -8.95 4.47
N ASN B 177 18.65 -8.55 5.47
CA ASN B 177 18.67 -9.27 6.74
C ASN B 177 18.07 -10.66 6.63
N ARG B 178 17.14 -10.89 5.69
CA ARG B 178 16.62 -12.23 5.48
C ARG B 178 17.73 -13.18 5.05
N PHE B 179 18.40 -12.84 3.94
CA PHE B 179 19.57 -13.56 3.43
C PHE B 179 20.21 -12.71 2.35
N HIS B 180 21.49 -13.00 2.08
CA HIS B 180 22.22 -12.27 1.05
C HIS B 180 23.32 -13.18 0.53
N ILE B 181 23.96 -12.76 -0.57
CA ILE B 181 25.15 -13.45 -1.06
C ILE B 181 26.28 -13.31 -0.05
N GLN B 182 26.86 -14.43 0.37
CA GLN B 182 27.83 -14.44 1.46
C GLN B 182 28.94 -13.43 1.22
N GLY B 183 29.20 -12.58 2.22
CA GLY B 183 30.25 -11.59 2.16
C GLY B 183 29.86 -10.26 1.53
N ALA B 184 28.69 -10.16 0.92
CA ALA B 184 28.28 -8.91 0.32
C ALA B 184 28.02 -7.88 1.42
N THR B 185 28.38 -6.64 1.14
CA THR B 185 28.09 -5.52 2.03
C THR B 185 26.72 -4.95 1.67
N HIS B 186 25.91 -4.69 2.68
CA HIS B 186 24.61 -4.05 2.43
C HIS B 186 24.81 -2.56 2.17
N LEU B 187 24.48 -2.11 0.97
CA LEU B 187 24.44 -0.67 0.65
C LEU B 187 23.20 -0.45 -0.21
N SER B 188 22.09 -0.09 0.45
CA SER B 188 20.81 0.06 -0.23
C SER B 188 20.90 1.03 -1.38
N LYS B 189 20.11 0.77 -2.43
CA LYS B 189 20.01 1.71 -3.53
C LYS B 189 19.60 3.11 -3.05
N GLY B 190 18.80 3.18 -1.99
CA GLY B 190 18.44 4.49 -1.43
C GLY B 190 19.66 5.29 -0.98
N GLN B 191 20.64 4.61 -0.36
CA GLN B 191 21.81 5.27 0.23
C GLN B 191 23.08 5.17 -0.62
N ILE B 192 23.04 4.53 -1.79
CA ILE B 192 24.30 4.21 -2.44
C ILE B 192 25.06 5.47 -2.87
N GLU B 193 24.36 6.46 -3.45
CA GLU B 193 25.07 7.68 -3.86
C GLU B 193 25.60 8.46 -2.67
N VAL B 194 24.90 8.43 -1.54
CA VAL B 194 25.37 9.15 -0.35
C VAL B 194 26.67 8.57 0.18
N LYS B 195 26.80 7.24 0.18
CA LYS B 195 27.91 6.58 0.89
C LYS B 195 29.07 6.12 -0.01
N ILE B 196 28.88 6.10 -1.34
CA ILE B 196 29.81 5.37 -2.20
C ILE B 196 31.20 6.01 -2.19
N GLU B 197 31.28 7.34 -2.13
CA GLU B 197 32.59 7.98 -2.26
C GLU B 197 33.46 7.72 -1.05
N ASN B 198 32.85 7.54 0.11
CA ASN B 198 33.63 7.18 1.29
C ASN B 198 34.00 5.70 1.31
N LEU B 199 33.11 4.83 0.84
CA LEU B 199 33.36 3.39 0.88
C LEU B 199 34.28 2.95 -0.26
N VAL B 200 34.21 3.65 -1.39
CA VAL B 200 35.00 3.31 -2.56
C VAL B 200 35.57 4.61 -3.13
N PRO B 201 36.60 5.17 -2.53
CA PRO B 201 37.18 6.42 -3.06
C PRO B 201 37.76 6.29 -4.46
N ASN B 202 38.33 5.14 -4.81
CA ASN B 202 38.93 4.96 -6.12
C ASN B 202 37.80 4.70 -7.12
N LYS B 203 37.55 5.64 -8.03
CA LYS B 203 36.40 5.44 -8.91
C LYS B 203 36.66 4.42 -10.02
N GLN B 204 37.89 3.92 -10.16
CA GLN B 204 38.16 2.82 -11.08
C GLN B 204 38.11 1.46 -10.40
N GLN B 205 37.82 1.41 -9.11
CA GLN B 205 37.70 0.14 -8.40
C GLN B 205 36.51 -0.65 -8.93
N LYS B 206 36.72 -1.94 -9.23
CA LYS B 206 35.62 -2.76 -9.71
C LYS B 206 34.59 -3.00 -8.61
N ILE B 207 33.33 -2.78 -8.94
CA ILE B 207 32.20 -2.83 -8.02
C ILE B 207 31.14 -3.73 -8.66
N TYR B 208 30.67 -4.73 -7.92
CA TYR B 208 29.49 -5.50 -8.32
C TYR B 208 28.29 -5.04 -7.51
N LEU B 209 27.16 -4.80 -8.19
CA LEU B 209 25.90 -4.46 -7.55
C LEU B 209 24.90 -5.56 -7.86
N TYR B 210 24.18 -6.04 -6.86
CA TYR B 210 23.06 -6.92 -7.17
C TYR B 210 21.82 -6.53 -6.38
N CYS B 211 20.66 -6.91 -6.92
CA CYS B 211 19.41 -6.71 -6.20
C CYS B 211 18.57 -7.97 -6.33
N GLY B 212 17.24 -7.85 -6.27
CA GLY B 212 16.42 -9.06 -6.34
C GLY B 212 16.32 -9.63 -7.74
N SER B 213 16.35 -8.77 -8.75
CA SER B 213 15.98 -9.12 -10.12
C SER B 213 16.98 -8.66 -11.17
N GLY B 214 17.92 -7.82 -10.82
CA GLY B 214 18.76 -7.15 -11.78
C GLY B 214 18.27 -5.78 -12.17
N PHE B 215 17.11 -5.36 -11.68
CA PHE B 215 16.51 -4.11 -12.12
C PHE B 215 16.98 -2.91 -11.28
N ARG B 216 16.87 -2.99 -9.96
CA ARG B 216 17.37 -1.90 -9.11
C ARG B 216 18.89 -1.73 -9.22
N SER B 217 19.62 -2.84 -9.36
CA SER B 217 21.07 -2.70 -9.46
C SER B 217 21.46 -2.06 -10.79
N ALA B 218 20.67 -2.25 -11.85
CA ALA B 218 20.96 -1.56 -13.11
C ALA B 218 20.79 -0.05 -12.94
N LEU B 219 19.70 0.36 -12.29
CA LEU B 219 19.49 1.78 -12.03
C LEU B 219 20.60 2.35 -11.15
N ALA B 220 20.98 1.61 -10.09
CA ALA B 220 22.06 2.05 -9.23
C ALA B 220 23.39 2.15 -10.00
N ALA B 221 23.64 1.19 -10.89
CA ALA B 221 24.90 1.23 -11.63
C ALA B 221 24.95 2.43 -12.56
N GLU B 222 23.83 2.75 -13.21
CA GLU B 222 23.80 3.93 -14.06
C GLU B 222 24.10 5.19 -13.24
N SER B 223 23.51 5.30 -12.06
CA SER B 223 23.76 6.46 -11.20
C SER B 223 25.23 6.56 -10.79
N LEU B 224 25.84 5.42 -10.43
CA LEU B 224 27.28 5.45 -10.11
C LEU B 224 28.11 5.91 -11.29
N GLN B 225 27.71 5.54 -12.52
CA GLN B 225 28.49 6.00 -13.68
C GLN B 225 28.41 7.52 -13.83
N HIS B 226 27.24 8.13 -13.52
CA HIS B 226 27.13 9.58 -13.58
C HIS B 226 28.07 10.26 -12.60
N MSE B 227 28.46 9.56 -11.54
CA MSE B 227 29.40 10.06 -10.56
C MSE B 227 30.86 9.79 -10.96
O MSE B 227 31.78 10.11 -10.21
CB MSE B 227 29.11 9.45 -9.19
CG MSE B 227 27.72 9.81 -8.70
SE MSE B 227 27.31 8.91 -7.01
CE MSE B 227 28.53 9.88 -5.90
N GLY B 228 31.05 9.14 -12.10
CA GLY B 228 32.39 8.89 -12.60
C GLY B 228 32.98 7.53 -12.25
N TYR B 229 32.20 6.62 -11.69
CA TYR B 229 32.67 5.26 -11.48
C TYR B 229 32.71 4.53 -12.82
N THR B 230 33.87 4.00 -13.19
CA THR B 230 34.04 3.44 -14.53
C THR B 230 34.08 1.92 -14.56
N ASN B 231 33.98 1.24 -13.42
CA ASN B 231 34.10 -0.22 -13.43
C ASN B 231 33.02 -0.86 -12.60
N VAL B 232 31.77 -0.38 -12.75
CA VAL B 232 30.62 -0.95 -12.04
C VAL B 232 30.01 -2.02 -12.94
N VAL B 233 29.55 -3.11 -12.32
CA VAL B 233 28.96 -4.24 -13.02
C VAL B 233 27.70 -4.62 -12.24
N SER B 234 26.57 -4.70 -12.94
CA SER B 234 25.31 -5.16 -12.34
C SER B 234 25.14 -6.65 -12.60
N ILE B 235 24.65 -7.38 -11.60
CA ILE B 235 24.48 -8.83 -11.73
C ILE B 235 23.13 -9.10 -12.40
N ALA B 236 23.17 -9.52 -13.66
CA ALA B 236 21.93 -9.77 -14.40
C ALA B 236 21.10 -10.85 -13.70
N GLY B 237 19.81 -10.60 -13.56
CA GLY B 237 18.93 -11.58 -12.96
C GLY B 237 18.86 -11.54 -11.44
N GLY B 238 19.79 -10.84 -10.78
CA GLY B 238 19.73 -10.61 -9.34
C GLY B 238 19.82 -11.89 -8.52
N ILE B 239 19.47 -11.75 -7.23
CA ILE B 239 19.57 -12.89 -6.34
C ILE B 239 18.47 -13.91 -6.64
N LYS B 240 17.42 -13.53 -7.38
CA LYS B 240 16.45 -14.54 -7.82
C LYS B 240 17.09 -15.52 -8.81
N ASP B 241 17.88 -15.03 -9.76
CA ASP B 241 18.58 -15.95 -10.66
C ASP B 241 19.67 -16.72 -9.93
N TRP B 242 20.30 -16.10 -8.94
CA TRP B 242 21.27 -16.81 -8.09
C TRP B 242 20.62 -18.03 -7.45
N LEU B 243 19.45 -17.83 -6.85
CA LEU B 243 18.71 -18.94 -6.24
C LEU B 243 18.21 -19.93 -7.30
N ALA B 244 17.84 -19.42 -8.48
CA ALA B 244 17.37 -20.27 -9.56
C ALA B 244 18.43 -21.28 -9.98
N ASN B 245 19.70 -20.92 -9.86
CA ASN B 245 20.81 -21.81 -10.12
C ASN B 245 21.23 -22.64 -8.92
N ASN B 246 20.43 -22.62 -7.84
CA ASN B 246 20.71 -23.32 -6.57
C ASN B 246 22.04 -22.89 -5.96
N TYR B 247 22.43 -21.63 -6.15
CA TYR B 247 23.59 -21.12 -5.42
C TYR B 247 23.18 -20.74 -3.99
N PRO B 248 23.93 -21.13 -2.98
CA PRO B 248 23.51 -20.91 -1.59
C PRO B 248 23.64 -19.45 -1.18
N VAL B 249 22.95 -19.09 -0.09
CA VAL B 249 22.98 -17.74 0.44
C VAL B 249 23.38 -17.79 1.91
N SER B 250 23.52 -16.61 2.52
CA SER B 250 23.98 -16.55 3.90
C SER B 250 23.11 -15.61 4.73
N GLN B 251 22.98 -15.94 6.00
CA GLN B 251 22.45 -15.02 6.99
C GLN B 251 23.61 -14.44 7.80
N ASN B 252 23.39 -13.26 8.35
CA ASN B 252 24.39 -12.60 9.21
C ASN B 252 25.75 -12.39 8.53
C1 EDO C . 1.11 20.00 12.72
O1 EDO C . 0.60 20.10 14.08
C2 EDO C . 2.58 19.59 12.69
O2 EDO C . 2.87 18.46 11.82
MG MG D . -23.46 3.90 13.46
O1 PG4 E . -2.64 -1.54 -1.90
C1 PG4 E . -2.82 -0.37 -1.15
C2 PG4 E . -4.14 0.29 -1.53
O2 PG4 E . -4.26 1.49 -0.82
C3 PG4 E . -3.25 2.40 -1.14
C4 PG4 E . -3.52 3.83 -0.67
O3 PG4 E . -2.61 4.66 -1.36
C5 PG4 E . -1.29 4.23 -1.20
C6 PG4 E . -0.30 5.27 -1.73
O4 PG4 E . 0.99 4.68 -1.76
C7 PG4 E . 1.29 3.97 -0.59
C8 PG4 E . 2.70 3.39 -0.47
O5 PG4 E . 2.68 2.38 0.53
C1 PEG F . 6.49 6.02 8.04
O1 PEG F . 6.81 6.91 7.00
C2 PEG F . 5.01 5.63 8.10
O2 PEG F . 4.87 4.39 8.74
C3 PEG F . 3.60 4.11 9.27
C4 PEG F . 2.52 4.09 8.18
O4 PEG F . 1.70 5.21 8.32
C1 EDO G . -10.39 7.38 -20.47
O1 EDO G . -9.40 7.66 -21.49
C2 EDO G . -9.73 6.42 -19.49
O2 EDO G . -10.54 6.17 -18.35
MG MG H . 26.85 -11.21 5.76
MG MG I . 19.41 8.60 -16.94
C1 PEG J . -2.55 -2.19 -9.68
O1 PEG J . -2.80 -0.97 -10.33
C2 PEG J . -3.76 -2.56 -8.80
O2 PEG J . -4.78 -3.11 -9.59
C3 PEG J . -5.99 -3.39 -8.94
C4 PEG J . -6.77 -2.10 -8.70
O4 PEG J . -8.16 -2.32 -8.63
O37 12P K . -15.41 25.11 1.43
C36 12P K . -15.93 24.19 0.52
C35 12P K . -17.02 23.34 1.18
O34 12P K . -16.50 22.09 1.57
C33 12P K . -16.23 22.00 2.94
C32 12P K . -16.12 20.53 3.39
O31 12P K . -15.49 19.75 2.41
C30 12P K . -14.40 18.99 2.86
C29 12P K . -13.50 18.61 1.69
O28 12P K . -12.45 19.53 1.54
C27 12P K . -12.10 19.82 0.21
C26 12P K . -12.51 21.24 -0.19
O25 12P K . -13.18 21.22 -1.42
C24 12P K . -13.94 22.37 -1.70
C23 12P K . -15.03 22.08 -2.74
O22 12P K . -16.33 22.23 -2.22
C21 12P K . -17.24 21.25 -2.66
C20 12P K . -18.41 21.02 -1.69
O19 12P K . -18.10 20.11 -0.66
C18 12P K . -18.71 18.84 -0.78
C17 12P K . -18.07 17.82 0.18
O16 12P K . -16.68 17.69 -0.05
C15 12P K . -16.29 16.55 -0.75
C14 12P K . -15.42 16.95 -1.93
O13 12P K . -16.21 17.34 -3.01
C12 12P K . -15.65 18.33 -3.84
C11 12P K . -16.59 18.58 -5.03
O10 12P K . -16.98 17.34 -5.56
C9 12P K . -17.83 17.34 -6.68
C8 12P K . -17.51 16.06 -7.46
O7 12P K . -17.36 16.35 -8.83
C6 12P K . -16.16 15.89 -9.42
C5 12P K . -15.60 17.05 -10.22
O4 12P K . -14.61 16.60 -11.10
C3 12P K . -13.32 17.16 -10.91
C2 12P K . -13.34 18.48 -10.16
O1 12P K . -12.10 19.12 -10.35
#